data_9IQN
#
_entry.id   9IQN
#
_cell.length_a   68.485
_cell.length_b   68.485
_cell.length_c   126.980
_cell.angle_alpha   90.000
_cell.angle_beta   90.000
_cell.angle_gamma   90.000
#
_symmetry.space_group_name_H-M   'I 4 2 2'
#
loop_
_entity.id
_entity.type
_entity.pdbx_description
1 polymer 'SnoaL-like domain-containing protein'
2 non-polymer (5~{R},6~{R})-6-[(~{E})-5-[(2~{S},3~{S},5~{R})-5-(2-hydroxyethyl)-3,5-dimethyl-oxolan-2-yl]-3-methyl-2-oxidanylidene-pent-3-enyl]-5-propyl-oxane-2,4-dione
3 water water
#
_entity_poly.entity_id   1
_entity_poly.type   'polypeptide(L)'
_entity_poly.pdbx_seq_one_letter_code
;MSAEVIDRFFKSSGAGDIETAVECFADDGQWITPDGDGLGTVHTKDQIGDLITSMNAMREKMIASGVDGKFESPIMFGEN
MGLVRATVETDDGKVVNRGVDLFILSDGKIVLKDVYRKVKLAAALEHHHHHH
;
_entity_poly.pdbx_strand_id   A
#
loop_
_chem_comp.id
_chem_comp.type
_chem_comp.name
_chem_comp.formula
A1D91 non-polymer (5~{R},6~{R})-6-[(~{E})-5-[(2~{S},3~{S},5~{R})-5-(2-hydroxyethyl)-3,5-dimethyl-oxolan-2-yl]-3-methyl-2-oxidanylidene-pent-3-enyl]-5-propyl-oxane-2,4-dione 'C22 H34 O6'
#
# COMPACT_ATOMS: atom_id res chain seq x y z
N SER A 2 -3.75 14.37 8.27
CA SER A 2 -2.32 14.31 8.56
C SER A 2 -1.75 12.94 8.24
N ALA A 3 -0.43 12.79 8.39
CA ALA A 3 0.23 11.55 7.99
C ALA A 3 0.10 10.44 9.01
N GLU A 4 -0.42 10.71 10.21
CA GLU A 4 -0.40 9.69 11.25
C GLU A 4 -1.13 8.42 10.80
N VAL A 5 -2.32 8.56 10.23
CA VAL A 5 -3.05 7.36 9.82
C VAL A 5 -2.30 6.61 8.73
N ILE A 6 -1.58 7.32 7.86
CA ILE A 6 -0.81 6.63 6.83
C ILE A 6 0.35 5.89 7.47
N ASP A 7 1.06 6.55 8.38
CA ASP A 7 2.13 5.87 9.12
C ASP A 7 1.59 4.67 9.88
N ARG A 8 0.51 4.86 10.64
CA ARG A 8 -0.09 3.73 11.36
C ARG A 8 -0.37 2.58 10.40
N PHE A 9 -0.88 2.89 9.21
CA PHE A 9 -1.25 1.82 8.29
C PHE A 9 -0.03 1.03 7.85
N PHE A 10 1.04 1.70 7.50
CA PHE A 10 2.24 1.00 7.07
C PHE A 10 2.83 0.16 8.18
N LYS A 11 2.91 0.72 9.39
CA LYS A 11 3.54 -0.02 10.48
C LYS A 11 2.73 -1.27 10.83
N SER A 12 1.42 -1.10 11.00
CA SER A 12 0.57 -2.23 11.39
C SER A 12 0.43 -3.25 10.27
N SER A 13 0.24 -2.80 9.02
CA SER A 13 0.07 -3.77 7.95
C SER A 13 1.38 -4.50 7.67
N GLY A 14 2.51 -3.84 7.88
CA GLY A 14 3.80 -4.47 7.70
C GLY A 14 4.16 -5.51 8.73
N ALA A 15 3.43 -5.57 9.85
CA ALA A 15 3.66 -6.56 10.90
C ALA A 15 2.54 -7.58 11.03
N GLY A 16 1.46 -7.44 10.25
CA GLY A 16 0.36 -8.36 10.34
C GLY A 16 -0.67 -8.05 11.40
N ASP A 17 -0.65 -6.84 11.97
CA ASP A 17 -1.74 -6.40 12.83
C ASP A 17 -2.93 -6.07 11.95
N ILE A 18 -3.61 -7.10 11.46
CA ILE A 18 -4.64 -6.93 10.45
C ILE A 18 -5.70 -5.97 10.93
N GLU A 19 -6.06 -6.06 12.21
CA GLU A 19 -7.19 -5.31 12.73
C GLU A 19 -6.88 -3.82 12.80
N THR A 20 -5.68 -3.46 13.24
CA THR A 20 -5.31 -2.04 13.25
C THR A 20 -5.25 -1.50 11.83
N ALA A 21 -4.60 -2.24 10.92
CA ALA A 21 -4.49 -1.75 9.53
C ALA A 21 -5.86 -1.54 8.92
N VAL A 22 -6.75 -2.53 9.04
CA VAL A 22 -8.08 -2.38 8.47
C VAL A 22 -8.75 -1.13 9.01
N GLU A 23 -8.64 -0.91 10.32
CA GLU A 23 -9.34 0.22 10.92
C GLU A 23 -8.77 1.58 10.51
N CYS A 24 -7.68 1.63 9.73
CA CYS A 24 -7.23 2.89 9.15
C CYS A 24 -8.13 3.36 8.02
N PHE A 25 -8.96 2.49 7.49
CA PHE A 25 -9.81 2.83 6.36
C PHE A 25 -11.19 3.23 6.83
N ALA A 26 -11.72 4.28 6.22
CA ALA A 26 -13.11 4.61 6.43
C ALA A 26 -13.99 3.43 6.01
N ASP A 27 -15.22 3.41 6.52
CA ASP A 27 -16.08 2.29 6.18
C ASP A 27 -16.38 2.28 4.69
N ASP A 28 -16.35 3.45 4.07
CA ASP A 28 -16.55 3.62 2.63
C ASP A 28 -15.24 3.69 1.86
N GLY A 29 -14.10 3.46 2.51
CA GLY A 29 -12.84 3.56 1.81
C GLY A 29 -12.62 2.43 0.84
N GLN A 30 -11.72 2.64 -0.11
CA GLN A 30 -11.33 1.60 -1.05
C GLN A 30 -9.82 1.56 -1.18
N TRP A 31 -9.29 0.36 -1.33
CA TRP A 31 -7.88 0.14 -1.66
C TRP A 31 -7.83 -0.50 -3.04
N ILE A 32 -7.27 0.22 -4.01
CA ILE A 32 -7.20 -0.24 -5.40
C ILE A 32 -5.82 -0.85 -5.63
N THR A 33 -5.81 -2.10 -6.08
CA THR A 33 -4.61 -2.81 -6.47
C THR A 33 -4.53 -2.89 -7.98
N PRO A 34 -3.34 -2.88 -8.55
CA PRO A 34 -3.23 -2.76 -10.00
C PRO A 34 -3.35 -4.09 -10.74
N ASP A 35 -4.17 -5.02 -10.22
CA ASP A 35 -4.42 -6.31 -10.84
C ASP A 35 -5.88 -6.43 -11.29
N GLY A 36 -6.09 -7.33 -12.26
CA GLY A 36 -7.43 -7.68 -12.73
C GLY A 36 -7.65 -7.22 -14.18
N ASP A 37 -8.88 -7.51 -14.64
CA ASP A 37 -9.28 -7.20 -16.03
C ASP A 37 -9.00 -5.75 -16.45
N GLY A 38 -9.19 -4.78 -15.58
CA GLY A 38 -9.11 -3.37 -15.86
C GLY A 38 -7.86 -2.73 -15.33
N LEU A 39 -7.97 -1.43 -15.02
CA LEU A 39 -6.87 -0.65 -14.51
C LEU A 39 -6.63 -0.92 -13.02
N GLY A 40 -7.25 -1.95 -12.51
CA GLY A 40 -7.14 -2.19 -11.10
C GLY A 40 -8.37 -2.90 -10.59
N THR A 41 -8.28 -3.30 -9.33
CA THR A 41 -9.34 -4.03 -8.65
C THR A 41 -9.60 -3.34 -7.33
N VAL A 42 -10.87 -3.14 -7.02
CA VAL A 42 -11.29 -2.40 -5.85
C VAL A 42 -11.45 -3.36 -4.69
N HIS A 43 -10.90 -3.01 -3.53
CA HIS A 43 -11.11 -3.76 -2.30
C HIS A 43 -11.79 -2.86 -1.28
N THR A 44 -12.94 -3.30 -0.79
CA THR A 44 -13.59 -2.54 0.27
C THR A 44 -12.98 -2.89 1.63
N LYS A 45 -13.39 -2.13 2.64
CA LYS A 45 -12.83 -2.27 3.99
C LYS A 45 -12.84 -3.72 4.47
N ASP A 46 -13.94 -4.44 4.28
CA ASP A 46 -14.00 -5.82 4.76
C ASP A 46 -13.32 -6.82 3.82
N GLN A 47 -12.79 -6.37 2.68
CA GLN A 47 -11.92 -7.20 1.86
C GLN A 47 -10.46 -6.94 2.17
N ILE A 48 -10.15 -5.95 2.99
CA ILE A 48 -8.79 -5.45 3.07
C ILE A 48 -7.92 -6.29 3.98
N GLY A 49 -8.50 -6.90 5.02
CA GLY A 49 -7.70 -7.75 5.89
C GLY A 49 -7.08 -8.91 5.15
N ASP A 50 -7.90 -9.64 4.39
CA ASP A 50 -7.40 -10.72 3.55
C ASP A 50 -6.34 -10.21 2.61
N LEU A 51 -6.61 -9.06 1.97
CA LEU A 51 -5.64 -8.50 1.04
C LEU A 51 -4.30 -8.30 1.73
N ILE A 52 -4.29 -7.76 2.94
CA ILE A 52 -3.04 -7.55 3.66
C ILE A 52 -2.33 -8.89 3.85
N THR A 53 -3.06 -9.89 4.35
CA THR A 53 -2.47 -11.19 4.55
C THR A 53 -1.85 -11.72 3.27
N SER A 54 -2.58 -11.62 2.16
CA SER A 54 -2.09 -12.18 0.92
C SER A 54 -0.89 -11.39 0.40
N MET A 55 -0.85 -10.08 0.64
CA MET A 55 0.31 -9.33 0.19
C MET A 55 1.52 -9.60 1.05
N ASN A 56 1.32 -9.87 2.35
CA ASN A 56 2.44 -10.29 3.20
C ASN A 56 3.04 -11.59 2.70
N ALA A 57 2.20 -12.55 2.32
CA ALA A 57 2.70 -13.82 1.79
C ALA A 57 3.46 -13.60 0.49
N MET A 58 2.97 -12.71 -0.35
CA MET A 58 3.69 -12.36 -1.56
C MET A 58 5.05 -11.75 -1.23
N ARG A 59 5.07 -10.81 -0.28
CA ARG A 59 6.31 -10.18 0.14
C ARG A 59 7.35 -11.19 0.60
N GLU A 60 6.92 -12.25 1.30
CA GLU A 60 7.89 -13.24 1.76
C GLU A 60 8.49 -14.01 0.60
N LYS A 61 7.69 -14.31 -0.44
CA LYS A 61 8.26 -14.95 -1.61
C LYS A 61 9.25 -14.02 -2.29
N MET A 62 8.90 -12.75 -2.42
CA MET A 62 9.84 -11.79 -3.01
C MET A 62 11.15 -11.77 -2.25
N ILE A 63 11.08 -11.66 -0.91
CA ILE A 63 12.29 -11.61 -0.10
C ILE A 63 13.15 -12.84 -0.30
N ALA A 64 12.52 -14.01 -0.35
CA ALA A 64 13.27 -15.25 -0.55
C ALA A 64 13.98 -15.24 -1.89
N SER A 65 13.58 -14.38 -2.82
CA SER A 65 14.20 -14.23 -4.12
C SER A 65 15.19 -13.09 -4.16
N GLY A 66 15.45 -12.45 -3.03
CA GLY A 66 16.38 -11.36 -3.01
C GLY A 66 15.81 -10.06 -3.52
N VAL A 67 14.51 -9.83 -3.35
CA VAL A 67 13.84 -8.63 -3.81
C VAL A 67 12.92 -8.15 -2.70
N ASP A 68 12.85 -6.83 -2.52
CA ASP A 68 11.94 -6.31 -1.51
C ASP A 68 11.61 -4.86 -1.82
N GLY A 69 10.46 -4.44 -1.31
CA GLY A 69 10.00 -3.07 -1.49
C GLY A 69 10.44 -2.20 -0.33
N LYS A 70 10.74 -0.95 -0.64
CA LYS A 70 11.15 0.04 0.34
C LYS A 70 10.22 1.23 0.19
N PHE A 71 9.54 1.60 1.27
CA PHE A 71 8.57 2.70 1.25
C PHE A 71 9.12 3.89 2.00
N GLU A 72 9.05 5.07 1.39
CA GLU A 72 9.46 6.30 2.04
C GLU A 72 8.32 6.85 2.91
N SER A 73 8.67 7.78 3.79
CA SER A 73 7.65 8.43 4.61
C SER A 73 6.71 9.25 3.72
N PRO A 74 5.43 9.31 4.03
CA PRO A 74 4.49 9.97 3.12
C PRO A 74 4.80 11.46 3.03
N ILE A 75 4.67 12.00 1.83
CA ILE A 75 4.74 13.44 1.60
C ILE A 75 3.31 13.98 1.56
N MET A 76 2.97 14.87 2.49
CA MET A 76 1.62 15.39 2.63
C MET A 76 1.40 16.59 1.72
N PHE A 77 0.22 16.63 1.09
CA PHE A 77 -0.28 17.79 0.37
C PHE A 77 -1.56 18.23 1.09
N GLY A 78 -1.42 19.16 2.02
CA GLY A 78 -2.50 19.49 2.95
C GLY A 78 -2.86 18.26 3.79
N GLU A 79 -4.00 18.38 4.46
CA GLU A 79 -4.42 17.38 5.43
C GLU A 79 -4.88 16.09 4.79
N ASN A 80 -5.37 16.14 3.56
CA ASN A 80 -6.18 15.05 3.03
C ASN A 80 -5.53 14.29 1.87
N MET A 81 -4.27 14.53 1.56
CA MET A 81 -3.59 13.74 0.54
C MET A 81 -2.14 13.49 0.92
N GLY A 82 -1.70 12.26 0.73
CA GLY A 82 -0.31 11.90 0.97
C GLY A 82 0.18 11.05 -0.18
N LEU A 83 1.44 11.28 -0.55
CA LEU A 83 2.13 10.46 -1.54
C LEU A 83 3.27 9.71 -0.88
N VAL A 84 3.38 8.41 -1.17
CA VAL A 84 4.41 7.54 -0.61
C VAL A 84 5.20 6.99 -1.77
N ARG A 85 6.49 7.33 -1.84
CA ARG A 85 7.35 6.77 -2.87
C ARG A 85 7.69 5.33 -2.50
N ALA A 86 7.57 4.41 -3.45
CA ALA A 86 7.99 3.03 -3.29
C ALA A 86 9.04 2.69 -4.34
N THR A 87 10.02 1.90 -3.92
CA THR A 87 11.09 1.36 -4.75
C THR A 87 11.23 -0.13 -4.44
N VAL A 88 11.17 -0.97 -5.47
CA VAL A 88 11.42 -2.40 -5.38
C VAL A 88 12.85 -2.68 -5.87
N GLU A 89 13.66 -3.28 -5.01
CA GLU A 89 15.09 -3.43 -5.29
C GLU A 89 15.54 -4.87 -5.08
N THR A 90 16.47 -5.34 -5.92
CA THR A 90 17.17 -6.58 -5.61
C THR A 90 18.29 -6.32 -4.62
N ASP A 91 18.66 -7.36 -3.89
CA ASP A 91 19.79 -7.29 -2.96
C ASP A 91 21.09 -6.95 -3.66
N ASP A 92 21.15 -7.08 -5.00
CA ASP A 92 22.32 -6.70 -5.76
C ASP A 92 22.34 -5.22 -6.14
N GLY A 93 21.37 -4.44 -5.69
CA GLY A 93 21.35 -3.02 -5.97
C GLY A 93 20.66 -2.64 -7.26
N LYS A 94 19.66 -3.39 -7.69
CA LYS A 94 18.99 -3.15 -8.95
C LYS A 94 17.54 -2.81 -8.71
N VAL A 95 17.15 -1.60 -9.08
CA VAL A 95 15.74 -1.21 -9.04
C VAL A 95 15.00 -2.03 -10.09
N VAL A 96 13.97 -2.77 -9.66
CA VAL A 96 13.14 -3.53 -10.57
C VAL A 96 11.73 -2.96 -10.69
N ASN A 97 11.32 -2.07 -9.80
CA ASN A 97 10.06 -1.36 -9.99
C ASN A 97 10.06 -0.15 -9.08
N ARG A 98 9.27 0.84 -9.45
CA ARG A 98 9.10 2.02 -8.64
C ARG A 98 7.69 2.54 -8.85
N GLY A 99 7.20 3.28 -7.86
CA GLY A 99 5.87 3.82 -7.98
C GLY A 99 5.57 4.75 -6.83
N VAL A 100 4.32 5.18 -6.79
CA VAL A 100 3.85 6.13 -5.79
C VAL A 100 2.53 5.60 -5.30
N ASP A 101 2.39 5.43 -3.98
CA ASP A 101 1.12 5.09 -3.36
C ASP A 101 0.38 6.40 -3.06
N LEU A 102 -0.82 6.55 -3.61
CA LEU A 102 -1.68 7.68 -3.32
C LEU A 102 -2.59 7.36 -2.14
N PHE A 103 -2.65 8.26 -1.17
CA PHE A 103 -3.60 8.13 -0.08
C PHE A 103 -4.48 9.37 -0.10
N ILE A 104 -5.79 9.18 -0.17
CA ILE A 104 -6.73 10.27 0.05
C ILE A 104 -7.44 9.99 1.37
N LEU A 105 -7.40 10.99 2.26
CA LEU A 105 -7.92 10.86 3.62
C LEU A 105 -9.20 11.67 3.73
N SER A 106 -10.06 11.25 4.64
CA SER A 106 -11.22 12.02 5.01
C SER A 106 -11.47 11.75 6.49
N ASP A 107 -11.38 12.79 7.30
CA ASP A 107 -11.70 12.68 8.72
C ASP A 107 -10.71 11.78 9.45
N GLY A 108 -9.44 11.83 9.05
CA GLY A 108 -8.43 10.98 9.66
C GLY A 108 -8.48 9.52 9.25
N LYS A 109 -9.27 9.17 8.25
CA LYS A 109 -9.34 7.80 7.77
C LYS A 109 -8.92 7.77 6.31
N ILE A 110 -8.47 6.61 5.84
CA ILE A 110 -8.16 6.45 4.42
C ILE A 110 -9.47 6.20 3.66
N VAL A 111 -9.75 7.04 2.67
CA VAL A 111 -10.91 6.78 1.80
C VAL A 111 -10.46 6.22 0.44
N LEU A 112 -9.23 6.44 0.03
CA LEU A 112 -8.72 5.85 -1.20
C LEU A 112 -7.25 5.60 -1.04
N LYS A 113 -6.83 4.36 -1.25
CA LYS A 113 -5.42 4.01 -1.46
C LYS A 113 -5.30 3.47 -2.88
N ASP A 114 -4.46 4.10 -3.69
CA ASP A 114 -4.25 3.59 -5.04
C ASP A 114 -2.76 3.63 -5.34
N VAL A 115 -2.36 2.96 -6.39
CA VAL A 115 -0.94 2.94 -6.74
C VAL A 115 -0.78 3.29 -8.20
N TYR A 116 0.28 4.01 -8.50
CA TYR A 116 0.76 4.19 -9.84
C TYR A 116 2.14 3.56 -9.86
N ARG A 117 2.38 2.67 -10.84
CA ARG A 117 3.62 1.93 -10.93
C ARG A 117 4.24 2.16 -12.30
N LYS A 118 5.55 1.96 -12.36
CA LYS A 118 6.28 2.13 -13.61
C LYS A 118 6.13 0.89 -14.50
N VAL A 119 6.37 -0.28 -13.93
CA VAL A 119 6.30 -1.53 -14.65
C VAL A 119 4.98 -2.19 -14.31
N LYS A 120 4.19 -2.47 -15.34
CA LYS A 120 2.88 -3.08 -15.17
C LYS A 120 3.06 -4.59 -14.91
N LEU A 121 3.53 -4.90 -13.71
CA LEU A 121 3.74 -6.31 -13.36
C LEU A 121 2.41 -7.01 -13.17
N ALA A 122 2.32 -8.24 -13.65
CA ALA A 122 1.16 -9.07 -13.36
C ALA A 122 1.34 -9.66 -11.97
C10 A1D91 B . 0.17 -2.60 -4.65
C13 A1D91 B . 3.95 -4.90 -1.06
C15 A1D91 B . 3.83 -5.13 0.39
C14 A1D91 B . 6.44 -4.60 -0.66
C12 A1D91 B . 5.22 -4.63 -1.44
C16 A1D91 B . 5.50 -4.36 -2.96
C11 A1D91 B . -0.90 -2.42 -3.50
C01 A1D91 B . 2.67 -2.32 -4.64
C02 A1D91 B . 2.62 -0.76 -4.27
C03 A1D91 B . 3.80 0.07 -4.82
C05 A1D91 B . 1.54 -3.05 -4.02
C06 A1D91 B . 4.12 -2.72 -4.17
C08 A1D91 B . 4.65 -0.86 -5.70
C18 A1D91 B . 4.31 -4.15 -3.94
C20 A1D91 B . 2.70 -4.52 1.23
C21 A1D91 B . 2.29 -5.39 2.46
C22 A1D91 B . 1.70 -4.35 3.44
C23 A1D91 B . 2.13 -2.94 2.85
C24 A1D91 B . 3.44 -6.17 3.13
C25 A1D91 B . 2.91 -2.14 3.89
C26 A1D91 B . 0.97 -2.15 2.19
C27 A1D91 B . 1.39 -1.29 0.94
O04 A1D91 B . 1.70 -0.34 -3.58
O07 A1D91 B . 5.07 -2.08 -5.03
O09 A1D91 B . 5.00 -0.67 -6.90
O17 A1D91 B . 6.68 -4.35 -3.32
O19 A1D91 B . 3.05 -3.28 1.81
O28 A1D91 B . 1.47 -1.92 -0.24
H102 A1D91 B . -0.14 -3.26 -5.30
H101 A1D91 B . 0.27 -1.79 -5.15
H131 A1D91 B . 3.22 -4.96 -1.62
H152 A1D91 B . 4.68 -4.82 0.77
H151 A1D91 B . 3.79 -6.09 0.50
H142 A1D91 B . 6.57 -5.43 -0.20
H141 A1D91 B . 6.42 -3.88 -0.01
H143 A1D91 B . 7.22 -4.45 -1.24
H112 A1D91 B . -1.21 -3.27 -3.15
H111 A1D91 B . -1.68 -1.94 -3.80
H113 A1D91 B . -0.54 -1.93 -2.74
H011 A1D91 B . 2.60 -2.57 -5.58
H031 A1D91 B . 3.52 0.83 -5.34
H032 A1D91 B . 4.36 0.43 -4.11
H052 A1D91 B . 1.54 -2.93 -3.06
H051 A1D91 B . 1.66 -4.01 -4.13
H061 A1D91 B . 4.28 -2.39 -3.27
H181 A1D91 B . 4.45 -4.62 -4.77
H182 A1D91 B . 3.50 -4.57 -3.59
H201 A1D91 B . 1.93 -4.37 0.64
H211 A1D91 B . 1.63 -6.04 2.18
H222 A1D91 B . 2.03 -4.48 4.34
H221 A1D91 B . 0.74 -4.44 3.53
H243 A1D91 B . 4.32 -5.82 2.92
H241 A1D91 B . 3.47 -7.10 2.88
H242 A1D91 B . 3.39 -6.18 4.10
H251 A1D91 B . 2.32 -1.61 4.45
H253 A1D91 B . 3.53 -1.52 3.48
H252 A1D91 B . 3.42 -2.71 4.47
H261 A1D91 B . 0.55 -1.58 2.84
H262 A1D91 B . 0.26 -2.77 1.93
H272 A1D91 B . 2.25 -0.85 1.06
H271 A1D91 B . 0.78 -0.54 0.78
#